data_4UMJ
#
_entry.id   4UMJ
#
_cell.length_a   85.310
_cell.length_b   98.550
_cell.length_c   131.320
_cell.angle_alpha   90.00
_cell.angle_beta   90.00
_cell.angle_gamma   90.00
#
_symmetry.space_group_name_H-M   'C 2 2 21'
#
loop_
_entity.id
_entity.type
_entity.pdbx_description
1 polymer GERANYLTRANSTRANSFERASE
2 non-polymer 'MAGNESIUM ION'
3 non-polymer IBANDRONATE
4 water water
#
_entity_poly.entity_id   1
_entity_poly.type   'polypeptide(L)'
_entity_poly.pdbx_seq_one_letter_code
;SMIAAYQARCQARVDAALDALFVAPREELQRLYEAMRYSVMNGGKRVRPLLAYAACEALGGAPQRADAAACAVELIHAYS
LVHDDLPAMDDDDLRRGQPTTHRAFDEATAILAADGLQALAFEVLADTRRNPQEHAVCLEMLTRLARAAGSAGMVGGQAI
DLGSVGVALDQAALEVMHRHKTGALIEASVRLGALASGRAEPASLAALERYAEAIGLAFQVQDDILDVESDTATLGKTQG
KDQAHNKPTYPALLGLEAAKGYALELRDLALAALDGFPPSADPLRQLARYIVERRN
;
_entity_poly.pdbx_strand_id   A,B
#
loop_
_chem_comp.id
_chem_comp.type
_chem_comp.name
_chem_comp.formula
BFQ non-polymer IBANDRONATE 'C9 H23 N O7 P2'
MG non-polymer 'MAGNESIUM ION' 'Mg 2'
#
# COMPACT_ATOMS: atom_id res chain seq x y z
N ILE A 3 -25.18 -5.43 18.99
CA ILE A 3 -24.27 -6.54 19.43
C ILE A 3 -23.04 -6.05 20.17
N ALA A 4 -23.26 -5.42 21.31
CA ALA A 4 -22.18 -4.81 22.01
C ALA A 4 -21.16 -5.85 22.50
N ALA A 5 -21.62 -7.02 22.95
CA ALA A 5 -20.72 -8.06 23.44
C ALA A 5 -19.89 -8.70 22.32
N TYR A 6 -20.52 -8.93 21.17
CA TYR A 6 -19.87 -9.49 19.95
C TYR A 6 -18.82 -8.49 19.47
N GLN A 7 -19.20 -7.22 19.48
CA GLN A 7 -18.28 -6.16 19.15
C GLN A 7 -17.04 -6.15 20.04
N ALA A 8 -17.26 -6.18 21.33
CA ALA A 8 -16.16 -6.19 22.30
C ALA A 8 -15.27 -7.41 22.07
N ARG A 9 -15.84 -8.55 21.73
CA ARG A 9 -15.04 -9.75 21.41
C ARG A 9 -14.22 -9.56 20.09
N CYS A 10 -14.88 -9.19 19.00
CA CYS A 10 -14.15 -8.85 17.81
C CYS A 10 -12.98 -7.87 18.04
N GLN A 11 -13.27 -6.82 18.77
CA GLN A 11 -12.32 -5.83 19.22
C GLN A 11 -11.13 -6.43 20.00
N ALA A 12 -11.42 -7.28 20.95
CA ALA A 12 -10.29 -7.87 21.71
C ALA A 12 -9.44 -8.79 20.80
N ARG A 13 -10.09 -9.62 19.99
CA ARG A 13 -9.38 -10.49 19.04
C ARG A 13 -8.46 -9.71 18.11
N VAL A 14 -9.02 -8.72 17.39
CA VAL A 14 -8.20 -8.01 16.41
C VAL A 14 -7.10 -7.17 17.06
N ASP A 15 -7.39 -6.59 18.20
CA ASP A 15 -6.41 -5.81 18.92
C ASP A 15 -5.22 -6.66 19.35
N ALA A 16 -5.47 -7.88 19.75
CA ALA A 16 -4.37 -8.76 20.12
C ALA A 16 -3.45 -9.04 18.94
N ALA A 17 -4.04 -9.30 17.78
CA ALA A 17 -3.28 -9.62 16.57
C ALA A 17 -2.55 -8.37 16.03
N LEU A 18 -3.23 -7.22 16.05
CA LEU A 18 -2.60 -5.94 15.64
C LEU A 18 -1.41 -5.53 16.51
N ASP A 19 -1.59 -5.70 17.83
CA ASP A 19 -0.62 -5.34 18.82
C ASP A 19 0.74 -5.95 18.52
N ALA A 20 0.73 -7.17 18.00
CA ALA A 20 1.94 -7.90 17.67
C ALA A 20 2.68 -7.38 16.44
N LEU A 21 2.09 -6.47 15.69
CA LEU A 21 2.66 -6.02 14.43
C LEU A 21 3.60 -4.81 14.53
N PHE A 22 3.75 -4.21 15.70
CA PHE A 22 4.40 -2.92 15.81
C PHE A 22 5.74 -2.95 16.54
N VAL A 23 6.45 -4.06 16.41
CA VAL A 23 7.80 -4.17 16.96
C VAL A 23 8.84 -3.75 15.92
N ALA A 24 9.52 -2.65 16.19
CA ALA A 24 10.58 -2.17 15.32
C ALA A 24 11.64 -3.23 15.17
N PRO A 25 12.05 -3.51 13.92
CA PRO A 25 13.08 -4.51 13.63
C PRO A 25 14.43 -4.12 14.19
N ARG A 26 14.64 -2.82 14.35
CA ARG A 26 15.85 -2.30 14.93
C ARG A 26 15.64 -0.93 15.50
N GLU A 27 16.63 -0.49 16.27
CA GLU A 27 16.51 0.67 17.13
C GLU A 27 16.24 1.94 16.40
N GLU A 28 16.82 2.10 15.21
CA GLU A 28 16.66 3.34 14.47
C GLU A 28 15.19 3.57 14.03
N LEU A 29 14.41 2.50 14.06
CA LEU A 29 12.99 2.54 13.59
C LEU A 29 11.98 2.57 14.74
N GLN A 30 12.47 2.74 15.98
CA GLN A 30 11.56 2.73 17.12
C GLN A 30 10.46 3.80 17.06
N ARG A 31 10.83 5.01 16.71
CA ARG A 31 9.89 6.14 16.77
C ARG A 31 8.83 5.95 15.70
N LEU A 32 9.26 5.44 14.53
CA LEU A 32 8.31 5.21 13.41
C LEU A 32 7.25 4.21 13.86
N TYR A 33 7.71 3.13 14.49
CA TYR A 33 6.89 2.05 14.90
C TYR A 33 6.00 2.48 16.05
N GLU A 34 6.52 3.34 16.92
CA GLU A 34 5.67 4.00 17.97
C GLU A 34 4.54 4.82 17.32
N ALA A 35 4.86 5.57 16.27
CA ALA A 35 3.78 6.32 15.55
C ALA A 35 2.70 5.47 14.93
N MET A 36 3.15 4.35 14.38
CA MET A 36 2.30 3.35 13.82
C MET A 36 1.40 2.78 14.87
N ARG A 37 1.97 2.38 16.00
CA ARG A 37 1.18 1.89 17.09
C ARG A 37 0.19 2.92 17.58
N TYR A 38 0.67 4.14 17.80
CA TYR A 38 -0.22 5.21 18.28
C TYR A 38 -1.42 5.43 17.32
N SER A 39 -1.18 5.26 16.02
CA SER A 39 -2.19 5.49 14.98
C SER A 39 -3.22 4.36 14.94
N VAL A 40 -2.86 3.17 15.42
CA VAL A 40 -3.75 2.01 15.30
C VAL A 40 -4.38 1.66 16.63
N MET A 41 -3.56 1.66 17.67
CA MET A 41 -4.00 1.16 18.98
C MET A 41 -4.59 2.32 19.74
N ASN A 42 -5.73 2.75 19.26
CA ASN A 42 -6.29 4.00 19.69
C ASN A 42 -7.64 3.81 20.33
N GLY A 43 -7.96 2.59 20.74
CA GLY A 43 -9.27 2.29 21.28
C GLY A 43 -10.42 2.41 20.27
N GLY A 44 -10.16 2.27 18.98
CA GLY A 44 -11.20 2.32 17.95
C GLY A 44 -12.19 1.19 18.12
N LYS A 45 -13.42 1.39 17.63
CA LYS A 45 -14.48 0.40 17.78
C LYS A 45 -14.29 -0.86 16.90
N ARG A 46 -13.44 -0.80 15.86
CA ARG A 46 -13.14 -1.98 15.05
C ARG A 46 -14.38 -2.52 14.32
N VAL A 47 -15.15 -1.63 13.73
CA VAL A 47 -16.30 -2.04 12.92
C VAL A 47 -15.92 -2.92 11.74
N ARG A 48 -14.81 -2.57 11.10
CA ARG A 48 -14.43 -3.31 9.91
C ARG A 48 -13.97 -4.73 10.24
N PRO A 49 -13.15 -4.89 11.27
CA PRO A 49 -12.90 -6.26 11.78
C PRO A 49 -14.16 -7.03 12.21
N LEU A 50 -15.07 -6.36 12.91
CA LEU A 50 -16.35 -7.00 13.28
C LEU A 50 -17.00 -7.57 11.98
N LEU A 51 -17.03 -6.76 10.91
CA LEU A 51 -17.66 -7.19 9.68
C LEU A 51 -16.96 -8.41 9.09
N ALA A 52 -15.61 -8.41 9.12
CA ALA A 52 -14.85 -9.52 8.56
C ALA A 52 -15.09 -10.82 9.34
N TYR A 53 -15.03 -10.72 10.65
CA TYR A 53 -15.34 -11.83 11.52
C TYR A 53 -16.77 -12.36 11.33
N ALA A 54 -17.72 -11.45 11.31
CA ALA A 54 -19.11 -11.81 11.17
C ALA A 54 -19.40 -12.36 9.80
N ALA A 55 -18.79 -11.83 8.73
CA ALA A 55 -18.99 -12.43 7.40
C ALA A 55 -18.44 -13.85 7.32
N CYS A 56 -17.28 -14.04 7.90
CA CYS A 56 -16.65 -15.33 8.01
C CYS A 56 -17.62 -16.31 8.74
N GLU A 57 -18.06 -15.95 9.92
CA GLU A 57 -19.04 -16.80 10.68
C GLU A 57 -20.39 -16.97 9.96
N ALA A 58 -20.84 -15.96 9.21
CA ALA A 58 -22.10 -16.08 8.50
C ALA A 58 -22.05 -17.25 7.53
N LEU A 59 -20.83 -17.59 7.09
CA LEU A 59 -20.66 -18.67 6.06
C LEU A 59 -20.17 -19.98 6.66
N GLY A 60 -20.13 -20.03 7.97
CA GLY A 60 -19.75 -21.22 8.74
C GLY A 60 -18.31 -21.33 9.16
N GLY A 61 -17.54 -20.26 8.94
CA GLY A 61 -16.12 -20.31 9.21
C GLY A 61 -15.79 -19.94 10.62
N ALA A 62 -14.92 -20.66 11.25
CA ALA A 62 -14.40 -20.23 12.55
C ALA A 62 -13.74 -18.83 12.39
N PRO A 63 -14.01 -17.93 13.33
CA PRO A 63 -13.62 -16.55 13.17
C PRO A 63 -12.12 -16.30 13.13
N GLN A 64 -11.33 -17.08 13.88
CA GLN A 64 -9.87 -16.93 13.81
C GLN A 64 -9.32 -17.04 12.37
N ARG A 65 -10.03 -17.72 11.47
CA ARG A 65 -9.61 -17.78 10.05
C ARG A 65 -9.57 -16.38 9.43
N ALA A 66 -10.30 -15.43 10.03
CA ALA A 66 -10.42 -14.09 9.46
C ALA A 66 -9.53 -13.10 10.15
N ASP A 67 -8.59 -13.58 10.95
CA ASP A 67 -7.74 -12.68 11.73
C ASP A 67 -6.93 -11.75 10.84
N ALA A 68 -6.36 -12.30 9.77
CA ALA A 68 -5.55 -11.49 8.92
C ALA A 68 -6.43 -10.46 8.18
N ALA A 69 -7.58 -10.90 7.67
CA ALA A 69 -8.51 -10.00 7.00
C ALA A 69 -8.90 -8.88 7.92
N ALA A 70 -9.20 -9.21 9.19
CA ALA A 70 -9.59 -8.20 10.15
C ALA A 70 -8.47 -7.18 10.35
N CYS A 71 -7.26 -7.67 10.53
CA CYS A 71 -6.12 -6.81 10.64
C CYS A 71 -5.93 -5.91 9.39
N ALA A 72 -5.98 -6.49 8.20
CA ALA A 72 -5.72 -5.76 7.03
C ALA A 72 -6.69 -4.60 6.85
N VAL A 73 -7.99 -4.87 7.05
CA VAL A 73 -8.97 -3.81 6.86
C VAL A 73 -8.84 -2.71 7.88
N GLU A 74 -8.46 -3.07 9.08
CA GLU A 74 -8.24 -2.08 10.09
C GLU A 74 -6.99 -1.27 9.89
N LEU A 75 -5.96 -1.90 9.36
CA LEU A 75 -4.74 -1.18 9.02
C LEU A 75 -5.02 -0.17 7.90
N ILE A 76 -5.82 -0.56 6.91
CA ILE A 76 -6.14 0.43 5.83
C ILE A 76 -6.94 1.55 6.50
N HIS A 77 -7.96 1.18 7.26
CA HIS A 77 -8.79 2.21 7.89
C HIS A 77 -7.91 3.20 8.69
N ALA A 78 -7.01 2.66 9.53
CA ALA A 78 -6.18 3.50 10.37
C ALA A 78 -5.25 4.41 9.60
N TYR A 79 -4.62 3.90 8.54
CA TYR A 79 -3.72 4.73 7.72
C TYR A 79 -4.56 5.85 7.10
N SER A 80 -5.77 5.51 6.64
CA SER A 80 -6.65 6.53 6.02
C SER A 80 -7.01 7.70 6.97
N LEU A 81 -7.25 7.38 8.25
CA LEU A 81 -7.50 8.41 9.26
C LEU A 81 -6.31 9.35 9.39
N VAL A 82 -5.09 8.79 9.49
CA VAL A 82 -3.90 9.63 9.68
C VAL A 82 -3.81 10.61 8.56
N HIS A 83 -3.95 10.15 7.32
CA HIS A 83 -3.86 11.05 6.18
C HIS A 83 -5.03 12.05 6.14
N ASP A 84 -6.23 11.57 6.44
CA ASP A 84 -7.45 12.44 6.46
C ASP A 84 -7.29 13.60 7.46
N ASP A 85 -6.58 13.39 8.55
CA ASP A 85 -6.41 14.37 9.64
C ASP A 85 -5.38 15.43 9.31
N LEU A 86 -4.58 15.17 8.29
CA LEU A 86 -3.44 16.08 7.96
C LEU A 86 -3.90 17.49 7.62
N PRO A 87 -3.00 18.50 7.81
CA PRO A 87 -3.29 19.89 7.48
C PRO A 87 -3.81 20.11 6.03
N ALA A 88 -3.32 19.31 5.07
CA ALA A 88 -3.73 19.47 3.71
C ALA A 88 -5.14 18.92 3.44
N MET A 89 -5.69 18.18 4.38
CA MET A 89 -7.05 17.60 4.20
C MET A 89 -7.90 18.14 5.34
N ASP A 90 -8.26 17.36 6.36
CA ASP A 90 -9.24 17.87 7.36
C ASP A 90 -8.60 18.73 8.48
N ASP A 91 -7.26 18.68 8.62
CA ASP A 91 -6.54 19.50 9.56
C ASP A 91 -7.06 19.43 10.97
N ASP A 92 -7.16 18.23 11.49
CA ASP A 92 -7.69 18.02 12.79
C ASP A 92 -6.56 17.82 13.79
N ASP A 93 -6.69 18.53 14.92
CA ASP A 93 -5.75 18.39 16.02
C ASP A 93 -6.05 17.20 16.91
N LEU A 94 -7.31 16.78 16.89
CA LEU A 94 -7.81 15.76 17.77
C LEU A 94 -8.56 14.68 17.02
N ARG A 95 -8.48 13.47 17.54
CA ARG A 95 -9.31 12.36 17.10
C ARG A 95 -9.64 11.61 18.37
N ARG A 96 -10.94 11.50 18.67
CA ARG A 96 -11.38 10.84 19.92
C ARG A 96 -10.77 11.51 21.17
N GLY A 97 -10.71 12.84 21.16
CA GLY A 97 -10.06 13.61 22.24
C GLY A 97 -8.55 13.55 22.37
N GLN A 98 -7.88 12.78 21.51
CA GLN A 98 -6.43 12.65 21.64
C GLN A 98 -5.78 13.36 20.47
N PRO A 99 -4.54 13.83 20.68
CA PRO A 99 -3.81 14.45 19.63
C PRO A 99 -3.76 13.50 18.42
N THR A 100 -3.96 14.06 17.24
CA THR A 100 -3.76 13.31 16.01
C THR A 100 -2.27 12.99 15.82
N THR A 101 -1.97 12.03 14.93
CA THR A 101 -0.64 11.52 14.89
C THR A 101 0.37 12.61 14.50
N HIS A 102 -0.03 13.52 13.59
CA HIS A 102 0.89 14.60 13.15
C HIS A 102 1.17 15.68 14.24
N ARG A 103 0.33 15.70 15.25
CA ARG A 103 0.51 16.57 16.44
C ARG A 103 1.34 15.87 17.52
N ALA A 104 1.07 14.59 17.76
CA ALA A 104 1.78 13.81 18.77
C ALA A 104 3.24 13.59 18.39
N PHE A 105 3.47 13.42 17.09
CA PHE A 105 4.79 13.19 16.51
C PHE A 105 5.16 14.35 15.68
N ASP A 106 5.00 14.26 14.40
CA ASP A 106 5.24 15.35 13.53
C ASP A 106 4.60 14.96 12.21
N GLU A 107 4.52 15.89 11.27
CA GLU A 107 3.72 15.68 10.06
C GLU A 107 4.36 14.62 9.15
N ALA A 108 5.66 14.75 8.90
CA ALA A 108 6.39 13.76 8.11
C ALA A 108 6.21 12.35 8.70
N THR A 109 6.37 12.23 10.02
CA THR A 109 6.27 10.96 10.70
C THR A 109 4.87 10.36 10.58
N ALA A 110 3.88 11.22 10.65
CA ALA A 110 2.51 10.80 10.48
C ALA A 110 2.24 10.31 9.05
N ILE A 111 2.71 11.02 8.03
CA ILE A 111 2.58 10.61 6.64
C ILE A 111 3.22 9.24 6.41
N LEU A 112 4.43 9.09 6.90
CA LEU A 112 5.23 7.87 6.76
C LEU A 112 4.66 6.68 7.53
N ALA A 113 4.29 6.89 8.77
CA ALA A 113 3.70 5.87 9.59
C ALA A 113 2.49 5.34 8.89
N ALA A 114 1.68 6.22 8.35
CA ALA A 114 0.53 5.71 7.66
C ALA A 114 0.83 4.97 6.34
N ASP A 115 1.83 5.46 5.60
CA ASP A 115 2.31 4.78 4.38
C ASP A 115 2.74 3.35 4.69
N GLY A 116 3.41 3.18 5.82
CA GLY A 116 3.91 1.86 6.28
C GLY A 116 2.79 0.97 6.78
N LEU A 117 1.73 1.57 7.34
CA LEU A 117 0.50 0.80 7.69
C LEU A 117 -0.17 0.22 6.42
N GLN A 118 -0.20 0.97 5.34
CA GLN A 118 -0.81 0.50 4.13
C GLN A 118 0.04 -0.68 3.58
N ALA A 119 1.37 -0.50 3.50
CA ALA A 119 2.26 -1.63 3.15
C ALA A 119 1.98 -2.83 4.03
N LEU A 120 1.80 -2.60 5.32
CA LEU A 120 1.66 -3.70 6.27
C LEU A 120 0.33 -4.48 6.06
N ALA A 121 -0.71 -3.77 5.66
CA ALA A 121 -2.01 -4.40 5.41
C ALA A 121 -1.82 -5.47 4.32
N PHE A 122 -1.12 -5.10 3.27
CA PHE A 122 -0.87 -6.04 2.15
C PHE A 122 0.07 -7.13 2.58
N GLU A 123 1.09 -6.77 3.34
CA GLU A 123 1.97 -7.76 3.93
C GLU A 123 1.24 -8.84 4.69
N VAL A 124 0.33 -8.44 5.57
CA VAL A 124 -0.42 -9.40 6.40
C VAL A 124 -1.27 -10.40 5.60
N LEU A 125 -1.91 -9.93 4.55
CA LEU A 125 -2.70 -10.79 3.68
C LEU A 125 -1.84 -11.70 2.80
N ALA A 126 -0.66 -11.21 2.37
CA ALA A 126 0.20 -12.00 1.49
C ALA A 126 1.00 -13.07 2.29
N ASP A 127 1.05 -12.93 3.60
CA ASP A 127 1.83 -13.76 4.52
C ASP A 127 1.02 -15.01 4.81
N THR A 128 1.47 -16.14 4.31
CA THR A 128 0.69 -17.38 4.39
C THR A 128 0.74 -18.05 5.75
N ARG A 129 1.59 -17.58 6.65
CA ARG A 129 1.49 -17.97 8.04
C ARG A 129 0.38 -17.18 8.71
N ARG A 130 0.39 -15.86 8.57
CA ARG A 130 -0.61 -15.03 9.28
C ARG A 130 -1.99 -15.16 8.66
N ASN A 131 -2.05 -15.38 7.33
CA ASN A 131 -3.28 -15.53 6.58
C ASN A 131 -3.28 -16.89 5.88
N PRO A 132 -3.48 -17.97 6.64
CA PRO A 132 -3.24 -19.30 6.04
C PRO A 132 -4.41 -19.87 5.22
N GLN A 133 -4.84 -19.17 4.19
CA GLN A 133 -5.91 -19.66 3.34
C GLN A 133 -5.27 -20.40 2.18
N GLU A 134 -6.07 -20.97 1.29
CA GLU A 134 -5.54 -21.44 0.03
C GLU A 134 -4.98 -20.24 -0.73
N HIS A 135 -3.96 -20.50 -1.52
CA HIS A 135 -3.25 -19.45 -2.19
C HIS A 135 -4.10 -18.61 -3.06
N ALA A 136 -4.98 -19.21 -3.82
CA ALA A 136 -5.84 -18.46 -4.73
C ALA A 136 -6.78 -17.50 -3.97
N VAL A 137 -7.17 -17.91 -2.76
CA VAL A 137 -8.01 -17.11 -1.91
C VAL A 137 -7.19 -15.94 -1.33
N CYS A 138 -5.94 -16.17 -0.92
CA CYS A 138 -5.11 -15.09 -0.46
C CYS A 138 -5.03 -14.04 -1.54
N LEU A 139 -4.80 -14.47 -2.77
CA LEU A 139 -4.62 -13.54 -3.89
C LEU A 139 -5.90 -12.78 -4.16
N GLU A 140 -7.02 -13.47 -4.04
CA GLU A 140 -8.29 -12.81 -4.26
C GLU A 140 -8.53 -11.77 -3.16
N MET A 141 -8.16 -12.10 -1.94
CA MET A 141 -8.33 -11.14 -0.83
C MET A 141 -7.52 -9.85 -1.10
N LEU A 142 -6.28 -10.05 -1.51
CA LEU A 142 -5.35 -8.95 -1.82
C LEU A 142 -5.83 -8.09 -2.96
N THR A 143 -6.30 -8.73 -4.02
CA THR A 143 -6.93 -8.07 -5.13
C THR A 143 -8.08 -7.17 -4.69
N ARG A 144 -9.00 -7.74 -3.90
CA ARG A 144 -10.16 -7.00 -3.48
C ARG A 144 -9.78 -5.86 -2.56
N LEU A 145 -8.88 -6.11 -1.64
CA LEU A 145 -8.44 -5.02 -0.76
C LEU A 145 -7.71 -3.85 -1.53
N ALA A 146 -6.86 -4.22 -2.49
CA ALA A 146 -6.12 -3.24 -3.25
C ALA A 146 -7.11 -2.43 -4.07
N ARG A 147 -8.10 -3.04 -4.70
CA ARG A 147 -9.03 -2.26 -5.48
C ARG A 147 -9.92 -1.37 -4.59
N ALA A 148 -10.32 -1.91 -3.45
CA ALA A 148 -11.12 -1.15 -2.46
C ALA A 148 -10.39 0.01 -1.77
N ALA A 149 -9.12 -0.16 -1.50
CA ALA A 149 -8.33 0.84 -0.79
C ALA A 149 -7.84 1.98 -1.68
N GLY A 150 -7.71 1.71 -2.99
CA GLY A 150 -7.02 2.56 -3.87
C GLY A 150 -7.88 3.61 -4.55
N SER A 151 -7.37 4.11 -5.67
CA SER A 151 -7.93 5.24 -6.36
C SER A 151 -9.30 5.00 -6.96
N ALA A 152 -9.70 3.74 -7.03
CA ALA A 152 -11.01 3.37 -7.57
C ALA A 152 -12.00 3.12 -6.45
N GLY A 153 -11.52 3.07 -5.22
CA GLY A 153 -12.34 2.93 -4.04
C GLY A 153 -12.12 4.05 -3.05
N MET A 154 -11.55 3.71 -1.88
CA MET A 154 -11.43 4.59 -0.76
C MET A 154 -10.69 5.90 -1.06
N VAL A 155 -9.51 5.79 -1.64
CA VAL A 155 -8.76 7.00 -1.99
C VAL A 155 -9.49 7.84 -3.04
N GLY A 156 -10.14 7.16 -3.97
CA GLY A 156 -11.02 7.82 -4.89
C GLY A 156 -12.10 8.65 -4.19
N GLY A 157 -12.79 8.02 -3.23
CA GLY A 157 -13.83 8.69 -2.42
C GLY A 157 -13.35 9.94 -1.75
N GLN A 158 -12.17 9.89 -1.15
CA GLN A 158 -11.52 11.06 -0.59
C GLN A 158 -11.36 12.18 -1.61
N ALA A 159 -10.91 11.83 -2.79
CA ALA A 159 -10.73 12.81 -3.90
C ALA A 159 -12.07 13.34 -4.39
N ILE A 160 -13.09 12.48 -4.44
CA ILE A 160 -14.42 12.93 -4.87
C ILE A 160 -14.93 13.96 -3.88
N ASP A 161 -14.78 13.67 -2.60
CA ASP A 161 -15.17 14.55 -1.55
C ASP A 161 -14.46 15.91 -1.70
N LEU A 162 -13.14 15.89 -1.73
CA LEU A 162 -12.37 17.13 -1.98
C LEU A 162 -12.73 17.81 -3.31
N GLY A 163 -13.11 17.07 -4.31
CA GLY A 163 -13.52 17.67 -5.58
C GLY A 163 -14.94 18.25 -5.60
N SER A 164 -15.69 18.20 -4.50
CA SER A 164 -17.06 18.67 -4.51
C SER A 164 -17.13 20.12 -4.05
N LEU A 169 -24.53 19.61 -4.40
CA LEU A 169 -24.64 18.15 -4.28
C LEU A 169 -26.06 17.62 -4.11
N ASP A 170 -26.55 16.84 -5.08
CA ASP A 170 -27.81 16.11 -4.91
C ASP A 170 -27.52 14.74 -4.25
N GLN A 171 -28.57 13.97 -3.98
CA GLN A 171 -28.45 12.72 -3.23
C GLN A 171 -27.61 11.71 -4.00
N ALA A 172 -27.81 11.64 -5.31
CA ALA A 172 -27.06 10.69 -6.15
C ALA A 172 -25.55 10.91 -6.01
N ALA A 173 -25.15 12.17 -5.98
CA ALA A 173 -23.73 12.51 -5.94
C ALA A 173 -23.14 12.26 -4.56
N LEU A 174 -23.90 12.57 -3.52
CA LEU A 174 -23.57 12.24 -2.16
C LEU A 174 -23.33 10.74 -1.99
N GLU A 175 -24.20 9.94 -2.59
CA GLU A 175 -24.08 8.52 -2.51
C GLU A 175 -22.90 7.97 -3.30
N VAL A 176 -22.60 8.58 -4.44
CA VAL A 176 -21.40 8.17 -5.19
C VAL A 176 -20.18 8.34 -4.29
N MET A 177 -20.16 9.47 -3.61
CA MET A 177 -19.04 9.82 -2.77
CA MET A 177 -19.05 9.83 -2.77
C MET A 177 -18.91 8.81 -1.64
N HIS A 178 -19.99 8.62 -0.90
CA HIS A 178 -20.01 7.67 0.23
C HIS A 178 -19.66 6.24 -0.20
N ARG A 179 -20.26 5.74 -1.28
CA ARG A 179 -19.95 4.41 -1.76
C ARG A 179 -18.44 4.21 -2.02
N HIS A 180 -17.75 5.26 -2.46
CA HIS A 180 -16.29 5.15 -2.62
C HIS A 180 -15.57 5.33 -1.26
N LYS A 181 -15.90 6.43 -0.61
CA LYS A 181 -15.13 6.90 0.54
C LYS A 181 -15.20 5.95 1.73
N THR A 182 -16.35 5.34 1.95
CA THR A 182 -16.48 4.35 2.98
C THR A 182 -17.04 2.98 2.52
N GLY A 183 -17.95 2.97 1.53
CA GLY A 183 -18.57 1.75 1.05
C GLY A 183 -17.60 0.67 0.54
N ALA A 184 -16.61 1.08 -0.23
CA ALA A 184 -15.67 0.14 -0.82
C ALA A 184 -14.94 -0.66 0.29
N LEU A 185 -14.53 -0.02 1.38
CA LEU A 185 -13.77 -0.70 2.40
C LEU A 185 -14.70 -1.55 3.31
N ILE A 186 -15.92 -1.05 3.54
CA ILE A 186 -16.93 -1.87 4.30
C ILE A 186 -17.23 -3.14 3.49
N GLU A 187 -17.47 -2.98 2.19
CA GLU A 187 -17.70 -4.14 1.31
C GLU A 187 -16.51 -5.09 1.26
N ALA A 188 -15.30 -4.55 1.18
CA ALA A 188 -14.12 -5.40 1.22
C ALA A 188 -14.00 -6.15 2.55
N SER A 189 -14.38 -5.51 3.64
CA SER A 189 -14.28 -6.16 4.93
C SER A 189 -15.17 -7.40 4.94
N VAL A 190 -16.40 -7.26 4.44
CA VAL A 190 -17.36 -8.34 4.39
C VAL A 190 -16.86 -9.40 3.39
N ARG A 191 -16.44 -8.96 2.23
CA ARG A 191 -15.93 -9.89 1.21
C ARG A 191 -14.72 -10.68 1.72
N LEU A 192 -13.76 -10.01 2.38
CA LEU A 192 -12.57 -10.69 2.84
C LEU A 192 -12.88 -11.72 3.96
N GLY A 193 -13.75 -11.36 4.87
CA GLY A 193 -14.18 -12.33 5.86
C GLY A 193 -14.85 -13.53 5.25
N ALA A 194 -15.67 -13.29 4.24
CA ALA A 194 -16.43 -14.35 3.55
C ALA A 194 -15.44 -15.30 2.86
N LEU A 195 -14.46 -14.71 2.18
CA LEU A 195 -13.37 -15.49 1.58
C LEU A 195 -12.61 -16.29 2.59
N ALA A 196 -12.34 -15.73 3.78
CA ALA A 196 -11.61 -16.43 4.79
C ALA A 196 -12.36 -17.64 5.33
N SER A 197 -13.68 -17.68 5.13
CA SER A 197 -14.48 -18.80 5.63
C SER A 197 -14.13 -20.14 4.98
N GLY A 198 -13.59 -20.07 3.77
CA GLY A 198 -13.38 -21.29 2.97
C GLY A 198 -14.65 -21.80 2.32
N ARG A 199 -15.80 -21.15 2.56
CA ARG A 199 -17.09 -21.64 2.05
C ARG A 199 -17.81 -20.62 1.19
N ALA A 200 -17.05 -19.66 0.67
CA ALA A 200 -17.67 -18.65 -0.18
C ALA A 200 -18.16 -19.30 -1.46
N GLU A 201 -19.27 -18.82 -1.98
CA GLU A 201 -19.74 -19.18 -3.28
C GLU A 201 -20.31 -17.92 -3.86
N PRO A 202 -20.42 -17.89 -5.18
CA PRO A 202 -20.77 -16.59 -5.76
C PRO A 202 -22.11 -16.00 -5.33
N ALA A 203 -23.12 -16.82 -5.14
CA ALA A 203 -24.40 -16.30 -4.74
C ALA A 203 -24.28 -15.73 -3.34
N SER A 204 -23.64 -16.45 -2.40
CA SER A 204 -23.48 -15.92 -1.05
CA SER A 204 -23.48 -15.89 -1.07
C SER A 204 -22.66 -14.61 -1.03
N LEU A 205 -21.62 -14.52 -1.88
CA LEU A 205 -20.75 -13.33 -1.93
C LEU A 205 -21.55 -12.14 -2.44
N ALA A 206 -22.42 -12.38 -3.42
CA ALA A 206 -23.22 -11.34 -3.95
C ALA A 206 -24.25 -10.87 -2.93
N ALA A 207 -24.86 -11.83 -2.22
CA ALA A 207 -25.77 -11.46 -1.12
C ALA A 207 -25.07 -10.61 -0.07
N LEU A 208 -23.90 -11.06 0.35
CA LEU A 208 -23.12 -10.32 1.33
C LEU A 208 -22.69 -8.95 0.88
N GLU A 209 -22.40 -8.82 -0.40
CA GLU A 209 -22.16 -7.52 -0.97
C GLU A 209 -23.39 -6.61 -0.89
N ARG A 210 -24.59 -7.13 -1.22
CA ARG A 210 -25.78 -6.31 -1.07
C ARG A 210 -25.96 -5.84 0.37
N TYR A 211 -25.72 -6.74 1.31
CA TYR A 211 -25.75 -6.43 2.70
C TYR A 211 -24.83 -5.22 2.97
N ALA A 212 -23.57 -5.37 2.59
CA ALA A 212 -22.54 -4.35 2.86
C ALA A 212 -22.86 -2.98 2.25
N GLU A 213 -23.39 -3.00 1.04
CA GLU A 213 -23.82 -1.74 0.40
C GLU A 213 -24.89 -1.03 1.23
N ALA A 214 -25.89 -1.79 1.68
CA ALA A 214 -26.94 -1.25 2.50
C ALA A 214 -26.45 -0.71 3.85
N ILE A 215 -25.67 -1.48 4.58
CA ILE A 215 -25.24 -0.97 5.86
C ILE A 215 -24.28 0.21 5.75
N GLY A 216 -23.44 0.21 4.73
CA GLY A 216 -22.50 1.30 4.58
C GLY A 216 -23.26 2.62 4.53
N LEU A 217 -24.32 2.66 3.75
CA LEU A 217 -25.17 3.82 3.62
C LEU A 217 -25.97 4.07 4.87
N ALA A 218 -26.48 3.00 5.47
CA ALA A 218 -27.23 3.17 6.73
C ALA A 218 -26.39 3.87 7.81
N PHE A 219 -25.12 3.55 7.92
CA PHE A 219 -24.25 4.32 8.85
C PHE A 219 -24.27 5.83 8.58
N GLN A 220 -24.09 6.19 7.34
CA GLN A 220 -24.02 7.59 6.94
C GLN A 220 -25.34 8.33 7.13
N VAL A 221 -26.46 7.69 6.74
CA VAL A 221 -27.76 8.31 6.91
C VAL A 221 -28.00 8.56 8.39
N GLN A 222 -27.81 7.51 9.20
CA GLN A 222 -28.13 7.63 10.61
C GLN A 222 -27.21 8.64 11.34
N ASP A 223 -25.91 8.67 11.03
CA ASP A 223 -25.02 9.68 11.63
C ASP A 223 -25.49 11.11 11.35
N ASP A 224 -25.97 11.38 10.11
CA ASP A 224 -26.47 12.70 9.74
C ASP A 224 -27.75 13.00 10.55
N ILE A 225 -28.64 12.02 10.68
CA ILE A 225 -29.87 12.19 11.46
C ILE A 225 -29.56 12.57 12.89
N LEU A 226 -28.62 11.86 13.51
CA LEU A 226 -28.22 12.13 14.88
C LEU A 226 -27.51 13.49 15.07
N ASP A 227 -26.75 13.95 14.07
CA ASP A 227 -26.12 15.29 14.17
C ASP A 227 -27.12 16.44 14.14
N VAL A 228 -28.26 16.22 13.47
CA VAL A 228 -29.50 16.97 13.73
C VAL A 228 -30.15 16.52 15.04
N PRO A 248 -25.18 19.53 2.81
CA PRO A 248 -25.03 18.29 2.06
C PRO A 248 -25.15 17.07 3.03
N THR A 249 -26.26 16.99 3.74
CA THR A 249 -26.56 15.88 4.65
C THR A 249 -27.83 15.22 4.22
N TYR A 250 -28.03 13.97 4.64
CA TYR A 250 -29.28 13.29 4.27
C TYR A 250 -30.58 14.02 4.72
N PRO A 251 -30.66 14.53 5.98
CA PRO A 251 -31.84 15.29 6.38
C PRO A 251 -32.03 16.57 5.55
N ALA A 252 -30.95 17.31 5.29
CA ALA A 252 -31.04 18.51 4.39
C ALA A 252 -31.60 18.15 3.02
N LEU A 253 -31.19 16.99 2.51
CA LEU A 253 -31.54 16.59 1.14
C LEU A 253 -32.91 16.00 0.99
N LEU A 254 -33.31 15.17 1.95
CA LEU A 254 -34.55 14.39 1.86
C LEU A 254 -35.64 14.96 2.79
N GLY A 255 -35.25 15.80 3.72
CA GLY A 255 -36.09 16.12 4.87
C GLY A 255 -35.85 15.11 6.00
N LEU A 256 -35.97 15.61 7.23
CA LEU A 256 -35.62 14.88 8.43
C LEU A 256 -36.39 13.59 8.57
N GLU A 257 -37.70 13.66 8.49
CA GLU A 257 -38.50 12.46 8.67
C GLU A 257 -38.29 11.46 7.53
N ALA A 258 -38.20 11.95 6.30
CA ALA A 258 -37.90 11.04 5.20
C ALA A 258 -36.51 10.31 5.31
N ALA A 259 -35.54 10.98 5.89
CA ALA A 259 -34.20 10.41 6.09
C ALA A 259 -34.35 9.24 7.06
N LYS A 260 -35.12 9.48 8.12
CA LYS A 260 -35.43 8.37 9.05
C LYS A 260 -36.06 7.15 8.36
N GLY A 261 -37.02 7.39 7.46
CA GLY A 261 -37.63 6.34 6.70
C GLY A 261 -36.63 5.58 5.83
N TYR A 262 -35.72 6.32 5.23
CA TYR A 262 -34.71 5.75 4.38
C TYR A 262 -33.76 4.86 5.25
N ALA A 263 -33.38 5.35 6.42
CA ALA A 263 -32.51 4.53 7.29
C ALA A 263 -33.16 3.19 7.51
N LEU A 264 -34.49 3.18 7.76
CA LEU A 264 -35.18 1.88 7.96
C LEU A 264 -35.17 1.02 6.72
N GLU A 265 -35.42 1.65 5.59
CA GLU A 265 -35.38 1.00 4.29
CA GLU A 265 -35.38 1.02 4.27
C GLU A 265 -34.01 0.32 4.07
N LEU A 266 -32.93 1.02 4.43
CA LEU A 266 -31.59 0.45 4.26
C LEU A 266 -31.39 -0.78 5.15
N ARG A 267 -31.80 -0.66 6.40
CA ARG A 267 -31.75 -1.81 7.29
C ARG A 267 -32.52 -2.98 6.71
N ASP A 268 -33.71 -2.74 6.16
CA ASP A 268 -34.48 -3.86 5.63
C ASP A 268 -33.78 -4.45 4.42
N LEU A 269 -33.17 -3.64 3.56
CA LEU A 269 -32.44 -4.16 2.43
C LEU A 269 -31.30 -5.08 2.90
N ALA A 270 -30.61 -4.67 3.98
CA ALA A 270 -29.54 -5.49 4.56
C ALA A 270 -30.04 -6.82 5.07
N LEU A 271 -31.16 -6.80 5.80
CA LEU A 271 -31.79 -8.02 6.33
C LEU A 271 -32.34 -8.87 5.22
N ALA A 272 -32.92 -8.27 4.20
CA ALA A 272 -33.39 -9.04 3.04
C ALA A 272 -32.24 -9.73 2.33
N ALA A 273 -31.09 -9.05 2.25
CA ALA A 273 -29.95 -9.65 1.56
C ALA A 273 -29.52 -10.88 2.26
N LEU A 274 -29.75 -10.98 3.57
CA LEU A 274 -29.38 -12.16 4.33
C LEU A 274 -30.48 -13.22 4.47
N ASP A 275 -31.63 -13.02 3.84
CA ASP A 275 -32.69 -14.03 3.84
C ASP A 275 -32.17 -15.42 3.40
N GLY A 276 -32.47 -16.46 4.17
CA GLY A 276 -31.96 -17.78 3.80
C GLY A 276 -30.54 -18.12 4.25
N PHE A 277 -29.83 -17.17 4.83
CA PHE A 277 -28.65 -17.51 5.57
C PHE A 277 -29.08 -18.14 6.88
N PRO A 278 -28.26 -19.05 7.43
CA PRO A 278 -28.56 -19.72 8.67
C PRO A 278 -28.40 -18.78 9.88
N PRO A 279 -28.69 -19.30 11.09
CA PRO A 279 -28.51 -18.53 12.34
C PRO A 279 -27.12 -17.91 12.58
N SER A 280 -26.06 -18.49 12.01
CA SER A 280 -24.72 -17.93 12.24
C SER A 280 -24.51 -16.52 11.58
N ALA A 281 -25.43 -16.12 10.71
CA ALA A 281 -25.53 -14.75 10.19
C ALA A 281 -26.26 -13.76 11.10
N ASP A 282 -26.71 -14.21 12.28
CA ASP A 282 -27.40 -13.31 13.21
C ASP A 282 -26.57 -12.07 13.59
N PRO A 283 -25.26 -12.22 13.86
CA PRO A 283 -24.50 -11.02 14.16
C PRO A 283 -24.61 -9.90 13.08
N LEU A 284 -24.60 -10.29 11.82
CA LEU A 284 -24.79 -9.31 10.71
C LEU A 284 -26.18 -8.68 10.75
N ARG A 285 -27.18 -9.47 11.04
CA ARG A 285 -28.54 -8.97 11.18
C ARG A 285 -28.65 -8.02 12.35
N GLN A 286 -28.04 -8.38 13.48
CA GLN A 286 -28.11 -7.54 14.67
C GLN A 286 -27.39 -6.20 14.47
N LEU A 287 -26.27 -6.24 13.76
CA LEU A 287 -25.55 -5.02 13.44
C LEU A 287 -26.42 -4.07 12.57
N ALA A 288 -27.10 -4.60 11.54
CA ALA A 288 -27.94 -3.79 10.63
C ALA A 288 -28.96 -3.02 11.43
N ARG A 289 -29.55 -3.69 12.41
CA ARG A 289 -30.57 -3.04 13.28
C ARG A 289 -29.96 -2.04 14.21
N TYR A 290 -28.81 -2.42 14.78
CA TYR A 290 -28.11 -1.63 15.73
C TYR A 290 -27.76 -0.26 15.15
N ILE A 291 -27.28 -0.27 13.92
CA ILE A 291 -26.91 0.96 13.17
C ILE A 291 -28.04 1.98 13.15
N VAL A 292 -29.25 1.51 12.85
CA VAL A 292 -30.37 2.43 12.70
C VAL A 292 -31.09 2.65 14.04
N GLU A 293 -30.81 1.83 15.07
CA GLU A 293 -31.40 2.05 16.37
C GLU A 293 -30.60 2.97 17.26
N ARG A 294 -29.37 3.33 16.90
CA ARG A 294 -28.57 4.26 17.71
C ARG A 294 -29.33 5.57 18.03
N SER B 1 26.08 2.15 -25.73
CA SER B 1 26.53 0.82 -25.19
C SER B 1 25.42 -0.21 -25.25
N MET B 2 25.78 -1.45 -24.91
CA MET B 2 24.80 -2.51 -24.75
C MET B 2 23.83 -2.16 -23.60
N ILE B 3 24.35 -1.55 -22.56
CA ILE B 3 23.52 -1.22 -21.42
C ILE B 3 22.59 -0.04 -21.72
N ALA B 4 23.07 0.96 -22.46
CA ALA B 4 22.21 2.04 -22.88
C ALA B 4 21.02 1.53 -23.71
N ALA B 5 21.27 0.57 -24.62
CA ALA B 5 20.22 0.01 -25.44
C ALA B 5 19.24 -0.85 -24.59
N TYR B 6 19.79 -1.60 -23.63
CA TYR B 6 18.99 -2.47 -22.78
C TYR B 6 18.08 -1.59 -21.90
N GLN B 7 18.63 -0.51 -21.43
CA GLN B 7 17.89 0.40 -20.60
C GLN B 7 16.71 1.00 -21.44
N ALA B 8 17.01 1.42 -22.65
CA ALA B 8 15.99 2.04 -23.49
C ALA B 8 14.88 1.05 -23.75
N ARG B 9 15.21 -0.22 -23.95
CA ARG B 9 14.23 -1.26 -24.16
C ARG B 9 13.35 -1.54 -22.91
N CYS B 10 14.01 -1.75 -21.77
CA CYS B 10 13.30 -1.82 -20.48
C CYS B 10 12.34 -0.63 -20.20
N GLN B 11 12.86 0.56 -20.39
CA GLN B 11 12.07 1.80 -20.31
C GLN B 11 10.83 1.81 -21.24
N ALA B 12 11.01 1.46 -22.49
CA ALA B 12 9.85 1.46 -23.39
C ALA B 12 8.84 0.40 -22.96
N ARG B 13 9.30 -0.79 -22.60
CA ARG B 13 8.45 -1.87 -22.17
C ARG B 13 7.62 -1.50 -20.92
N VAL B 14 8.27 -1.02 -19.87
CA VAL B 14 7.53 -0.71 -18.64
C VAL B 14 6.62 0.50 -18.86
N ASP B 15 7.06 1.47 -19.66
CA ASP B 15 6.22 2.65 -19.87
C ASP B 15 4.93 2.29 -20.59
N ALA B 16 4.98 1.32 -21.48
CA ALA B 16 3.78 0.91 -22.21
C ALA B 16 2.78 0.25 -21.26
N ALA B 17 3.30 -0.58 -20.34
CA ALA B 17 2.45 -1.23 -19.39
C ALA B 17 1.85 -0.23 -18.38
N LEU B 18 2.69 0.71 -17.91
CA LEU B 18 2.28 1.66 -16.92
C LEU B 18 1.21 2.60 -17.46
N ASP B 19 1.41 3.00 -18.68
CA ASP B 19 0.55 3.96 -19.34
C ASP B 19 -0.92 3.52 -19.31
N ALA B 20 -1.14 2.23 -19.43
CA ALA B 20 -2.50 1.66 -19.40
C ALA B 20 -3.18 1.68 -18.01
N LEU B 21 -2.45 2.06 -16.97
CA LEU B 21 -2.98 1.97 -15.61
C LEU B 21 -3.72 3.20 -15.09
N PHE B 22 -3.83 4.26 -15.88
CA PHE B 22 -4.30 5.51 -15.32
C PHE B 22 -5.60 6.07 -15.89
N VAL B 23 -6.50 5.20 -16.30
CA VAL B 23 -7.82 5.63 -16.77
C VAL B 23 -8.80 5.65 -15.60
N ALA B 24 -9.32 6.83 -15.30
CA ALA B 24 -10.30 6.96 -14.26
C ALA B 24 -11.55 6.20 -14.58
N PRO B 25 -12.06 5.43 -13.59
CA PRO B 25 -13.26 4.60 -13.76
C PRO B 25 -14.50 5.44 -14.04
N ARG B 26 -14.47 6.67 -13.59
CA ARG B 26 -15.58 7.58 -13.80
C ARG B 26 -15.09 8.98 -13.66
N GLU B 27 -15.93 9.90 -14.09
CA GLU B 27 -15.56 11.22 -14.37
C GLU B 27 -15.09 11.99 -13.15
N GLU B 28 -15.67 11.71 -12.00
CA GLU B 28 -15.32 12.45 -10.79
C GLU B 28 -13.87 12.13 -10.35
N LEU B 29 -13.34 11.03 -10.88
CA LEU B 29 -11.98 10.60 -10.54
C LEU B 29 -10.93 11.01 -11.57
N GLN B 30 -11.31 11.79 -12.57
CA GLN B 30 -10.34 12.12 -13.60
C GLN B 30 -9.10 12.84 -13.09
N ARG B 31 -9.31 13.81 -12.21
CA ARG B 31 -8.19 14.65 -11.78
C ARG B 31 -7.25 13.85 -10.86
N LEU B 32 -7.82 12.97 -10.01
CA LEU B 32 -7.02 12.04 -9.22
C LEU B 32 -6.13 11.17 -10.12
N TYR B 33 -6.71 10.66 -11.16
CA TYR B 33 -5.99 9.78 -12.08
C TYR B 33 -4.96 10.54 -12.93
N GLU B 34 -5.30 11.77 -13.32
CA GLU B 34 -4.31 12.66 -13.97
C GLU B 34 -3.09 12.94 -13.04
N ALA B 35 -3.32 13.19 -11.78
CA ALA B 35 -2.21 13.31 -10.84
C ALA B 35 -1.33 12.06 -10.69
N MET B 36 -1.99 10.91 -10.68
CA MET B 36 -1.29 9.62 -10.64
C MET B 36 -0.44 9.44 -11.91
N ARG B 37 -1.04 9.73 -13.07
CA ARG B 37 -0.31 9.65 -14.32
C ARG B 37 0.86 10.63 -14.35
N TYR B 38 0.61 11.85 -13.96
CA TYR B 38 1.65 12.84 -13.90
C TYR B 38 2.84 12.38 -13.03
N SER B 39 2.54 11.69 -11.94
CA SER B 39 3.56 11.26 -10.96
C SER B 39 4.41 10.09 -11.45
N VAL B 40 3.89 9.30 -12.40
CA VAL B 40 4.57 8.10 -12.89
C VAL B 40 5.18 8.32 -14.26
N MET B 41 4.39 8.93 -15.14
CA MET B 41 4.83 9.10 -16.54
C MET B 41 5.63 10.36 -16.64
N ASN B 42 6.80 10.36 -16.03
CA ASN B 42 7.56 11.57 -15.86
C ASN B 42 8.93 11.50 -16.57
N GLY B 43 9.07 10.60 -17.51
CA GLY B 43 10.33 10.36 -18.20
C GLY B 43 11.45 9.82 -17.34
N GLY B 44 11.12 9.14 -16.24
CA GLY B 44 12.16 8.54 -15.38
C GLY B 44 12.99 7.48 -16.13
N LYS B 45 14.22 7.24 -15.68
CA LYS B 45 15.11 6.22 -16.27
C LYS B 45 14.68 4.78 -16.05
N ARG B 46 13.75 4.51 -15.11
CA ARG B 46 13.24 3.16 -14.88
C ARG B 46 14.37 2.18 -14.48
N VAL B 47 15.25 2.60 -13.58
CA VAL B 47 16.29 1.66 -13.09
C VAL B 47 15.72 0.42 -12.39
N ARG B 48 14.63 0.58 -11.65
CA ARG B 48 14.11 -0.57 -10.90
C ARG B 48 13.46 -1.59 -11.82
N PRO B 49 12.66 -1.16 -12.80
CA PRO B 49 12.21 -2.08 -13.84
C PRO B 49 13.36 -2.73 -14.66
N LEU B 50 14.42 -1.97 -14.97
CA LEU B 50 15.59 -2.57 -15.62
C LEU B 50 16.11 -3.71 -14.77
N LEU B 51 16.23 -3.50 -13.47
CA LEU B 51 16.76 -4.52 -12.57
C LEU B 51 15.85 -5.75 -12.56
N ALA B 52 14.53 -5.53 -12.56
CA ALA B 52 13.60 -6.64 -12.58
C ALA B 52 13.73 -7.48 -13.89
N TYR B 53 13.69 -6.82 -15.00
CA TYR B 53 13.84 -7.44 -16.31
C TYR B 53 15.17 -8.21 -16.41
N ALA B 54 16.22 -7.57 -15.94
CA ALA B 54 17.58 -8.14 -16.04
C ALA B 54 17.76 -9.29 -15.12
N ALA B 55 17.17 -9.24 -13.92
CA ALA B 55 17.25 -10.41 -13.02
C ALA B 55 16.50 -11.60 -13.58
N CYS B 56 15.35 -11.31 -14.17
CA CYS B 56 14.51 -12.31 -14.85
C CYS B 56 15.33 -12.98 -15.99
N GLU B 57 15.84 -12.19 -16.94
CA GLU B 57 16.69 -12.74 -18.01
C GLU B 57 17.98 -13.41 -17.47
N ALA B 58 18.54 -12.96 -16.36
CA ALA B 58 19.73 -13.62 -15.76
C ALA B 58 19.49 -15.03 -15.35
N LEU B 59 18.24 -15.35 -15.02
CA LEU B 59 17.84 -16.76 -14.67
C LEU B 59 17.20 -17.56 -15.80
N GLY B 60 17.23 -17.01 -16.99
CA GLY B 60 16.69 -17.66 -18.20
C GLY B 60 15.24 -17.36 -18.54
N GLY B 61 14.64 -16.36 -17.90
CA GLY B 61 13.24 -16.05 -18.16
C GLY B 61 13.07 -15.05 -19.25
N ALA B 62 12.05 -15.25 -20.08
CA ALA B 62 11.64 -14.21 -21.01
C ALA B 62 11.26 -12.96 -20.21
N PRO B 63 11.70 -11.78 -20.68
CA PRO B 63 11.52 -10.55 -19.90
C PRO B 63 10.08 -10.11 -19.67
N GLN B 64 9.21 -10.31 -20.67
CA GLN B 64 7.79 -10.00 -20.47
C GLN B 64 7.19 -10.65 -19.19
N ARG B 65 7.73 -11.74 -18.73
CA ARG B 65 7.22 -12.36 -17.55
C ARG B 65 7.31 -11.40 -16.32
N ALA B 66 8.24 -10.47 -16.41
CA ALA B 66 8.52 -9.55 -15.29
C ALA B 66 7.83 -8.23 -15.44
N ASP B 67 6.87 -8.13 -16.36
CA ASP B 67 6.21 -6.88 -16.61
C ASP B 67 5.54 -6.36 -15.34
N ALA B 68 4.80 -7.24 -14.63
CA ALA B 68 4.09 -6.85 -13.44
C ALA B 68 5.05 -6.46 -12.29
N ALA B 69 6.08 -7.24 -12.06
CA ALA B 69 7.16 -6.86 -11.17
C ALA B 69 7.74 -5.49 -11.50
N ALA B 70 8.04 -5.24 -12.75
CA ALA B 70 8.61 -3.98 -13.17
C ALA B 70 7.65 -2.82 -12.90
N CYS B 71 6.39 -2.99 -13.25
CA CYS B 71 5.39 -1.97 -12.93
C CYS B 71 5.31 -1.72 -11.40
N ALA B 72 5.23 -2.76 -10.62
CA ALA B 72 5.02 -2.64 -9.19
C ALA B 72 6.16 -1.88 -8.50
N VAL B 73 7.40 -2.20 -8.87
CA VAL B 73 8.56 -1.49 -8.28
C VAL B 73 8.60 -0.04 -8.67
N GLU B 74 8.23 0.23 -9.90
CA GLU B 74 8.24 1.61 -10.33
C GLU B 74 7.08 2.37 -9.70
N LEU B 75 5.94 1.71 -9.50
CA LEU B 75 4.81 2.36 -8.80
C LEU B 75 5.16 2.70 -7.33
N ILE B 76 5.84 1.81 -6.66
CA ILE B 76 6.31 2.12 -5.31
C ILE B 76 7.33 3.23 -5.31
N HIS B 77 8.29 3.15 -6.22
CA HIS B 77 9.26 4.25 -6.41
C HIS B 77 8.57 5.60 -6.59
N ALA B 78 7.63 5.64 -7.55
CA ALA B 78 6.96 6.88 -7.87
C ALA B 78 6.21 7.46 -6.73
N TYR B 79 5.49 6.62 -6.00
CA TYR B 79 4.69 7.13 -4.87
C TYR B 79 5.64 7.70 -3.85
N SER B 80 6.75 7.01 -3.61
CA SER B 80 7.74 7.50 -2.65
C SER B 80 8.26 8.92 -2.92
N LEU B 81 8.43 9.24 -4.20
CA LEU B 81 8.96 10.53 -4.64
C LEU B 81 7.93 11.60 -4.37
N VAL B 82 6.65 11.27 -4.59
CA VAL B 82 5.60 12.25 -4.38
C VAL B 82 5.52 12.61 -2.91
N HIS B 83 5.53 11.60 -2.02
CA HIS B 83 5.57 11.90 -0.60
C HIS B 83 6.84 12.62 -0.08
N ASP B 84 7.99 12.17 -0.55
CA ASP B 84 9.27 12.78 -0.24
C ASP B 84 9.31 14.28 -0.59
N ASP B 85 8.64 14.70 -1.68
CA ASP B 85 8.67 16.10 -2.15
C ASP B 85 7.79 17.02 -1.35
N LEU B 86 6.86 16.45 -0.56
CA LEU B 86 5.86 17.25 0.17
C LEU B 86 6.46 18.26 1.14
N PRO B 87 5.72 19.37 1.42
CA PRO B 87 6.20 20.41 2.36
C PRO B 87 6.65 19.88 3.70
N ALA B 88 6.00 18.83 4.21
CA ALA B 88 6.40 18.25 5.47
C ALA B 88 7.70 17.51 5.40
N MET B 89 8.18 17.20 4.19
CA MET B 89 9.41 16.43 4.07
C MET B 89 10.43 17.27 3.35
N ASP B 90 10.74 17.02 2.07
CA ASP B 90 11.83 17.78 1.45
C ASP B 90 11.35 19.09 0.87
N ASP B 91 10.04 19.28 0.74
CA ASP B 91 9.48 20.53 0.31
C ASP B 91 10.10 21.01 -0.99
N ASP B 92 10.07 20.18 -2.03
CA ASP B 92 10.66 20.55 -3.30
C ASP B 92 9.59 21.01 -4.27
N ASP B 93 9.84 22.13 -4.96
CA ASP B 93 8.95 22.62 -6.04
C ASP B 93 9.15 21.93 -7.39
N LEU B 94 10.33 21.37 -7.58
CA LEU B 94 10.73 20.84 -8.82
C LEU B 94 11.36 19.45 -8.63
N ARG B 95 11.18 18.61 -9.62
CA ARG B 95 11.89 17.32 -9.70
C ARG B 95 12.27 17.21 -11.17
N ARG B 96 13.57 17.15 -11.46
CA ARG B 96 14.06 17.05 -12.88
C ARG B 96 13.55 18.25 -13.69
N GLY B 97 13.58 19.42 -13.06
CA GLY B 97 13.14 20.63 -13.72
C GLY B 97 11.64 20.79 -13.91
N GLN B 98 10.83 19.82 -13.47
CA GLN B 98 9.38 19.97 -13.64
C GLN B 98 8.69 20.16 -12.28
N PRO B 99 7.53 20.80 -12.27
CA PRO B 99 6.78 20.96 -11.04
C PRO B 99 6.51 19.60 -10.38
N THR B 100 6.75 19.53 -9.10
CA THR B 100 6.43 18.33 -8.30
C THR B 100 4.90 18.12 -8.28
N THR B 101 4.43 16.95 -7.86
CA THR B 101 2.97 16.69 -8.01
C THR B 101 2.16 17.65 -7.13
N HIS B 102 2.61 17.94 -5.94
CA HIS B 102 1.86 18.81 -5.04
C HIS B 102 1.85 20.26 -5.55
N ARG B 103 2.87 20.61 -6.36
CA ARG B 103 2.98 21.94 -6.98
C ARG B 103 2.09 22.06 -8.20
N ALA B 104 2.05 21.02 -9.03
CA ALA B 104 1.26 20.97 -10.22
C ALA B 104 -0.26 20.94 -9.90
N PHE B 105 -0.61 20.18 -8.89
CA PHE B 105 -1.97 19.95 -8.50
C PHE B 105 -2.28 20.63 -7.20
N ASP B 106 -2.24 19.91 -6.10
CA ASP B 106 -2.30 20.50 -4.75
C ASP B 106 -1.83 19.39 -3.81
N GLU B 107 -1.60 19.75 -2.56
CA GLU B 107 -0.97 18.89 -1.60
C GLU B 107 -1.82 17.65 -1.23
N ALA B 108 -3.09 17.88 -0.93
CA ALA B 108 -4.04 16.75 -0.75
C ALA B 108 -4.06 15.78 -1.93
N THR B 109 -4.16 16.31 -3.13
CA THR B 109 -4.25 15.48 -4.31
C THR B 109 -2.99 14.66 -4.52
N ALA B 110 -1.85 15.29 -4.24
CA ALA B 110 -0.60 14.58 -4.35
C ALA B 110 -0.49 13.47 -3.34
N ILE B 111 -0.88 13.74 -2.08
CA ILE B 111 -0.84 12.69 -1.04
C ILE B 111 -1.69 11.49 -1.46
N LEU B 112 -2.90 11.76 -1.92
CA LEU B 112 -3.83 10.74 -2.33
C LEU B 112 -3.40 9.99 -3.58
N ALA B 113 -2.92 10.71 -4.58
CA ALA B 113 -2.51 10.08 -5.81
C ALA B 113 -1.46 9.09 -5.45
N ALA B 114 -0.54 9.46 -4.60
CA ALA B 114 0.52 8.55 -4.25
C ALA B 114 0.06 7.37 -3.42
N ASP B 115 -0.88 7.61 -2.51
CA ASP B 115 -1.47 6.55 -1.72
C ASP B 115 -2.11 5.48 -2.63
N GLY B 116 -2.77 5.95 -3.70
CA GLY B 116 -3.40 5.10 -4.68
C GLY B 116 -2.41 4.38 -5.58
N LEU B 117 -1.26 5.00 -5.85
CA LEU B 117 -0.20 4.28 -6.55
C LEU B 117 0.37 3.13 -5.72
N GLN B 118 0.47 3.28 -4.40
CA GLN B 118 0.96 2.20 -3.57
C GLN B 118 -0.04 1.02 -3.62
N ALA B 119 -1.32 1.31 -3.42
CA ALA B 119 -2.37 0.32 -3.60
C ALA B 119 -2.21 -0.39 -4.93
N LEU B 120 -2.03 0.37 -5.98
CA LEU B 120 -1.99 -0.15 -7.34
C LEU B 120 -0.81 -1.08 -7.54
N ALA B 121 0.33 -0.77 -6.93
CA ALA B 121 1.49 -1.68 -6.99
C ALA B 121 1.15 -3.09 -6.51
N PHE B 122 0.46 -3.17 -5.39
CA PHE B 122 -0.01 -4.42 -4.85
C PHE B 122 -1.11 -5.07 -5.72
N GLU B 123 -2.02 -4.26 -6.20
CA GLU B 123 -3.01 -4.70 -7.13
C GLU B 123 -2.41 -5.44 -8.32
N VAL B 124 -1.38 -4.85 -8.94
CA VAL B 124 -0.82 -5.47 -10.18
C VAL B 124 -0.15 -6.79 -9.94
N LEU B 125 0.51 -6.92 -8.81
CA LEU B 125 1.14 -8.17 -8.43
C LEU B 125 0.14 -9.28 -8.02
N ALA B 126 -0.95 -8.90 -7.42
CA ALA B 126 -1.97 -9.86 -6.99
C ALA B 126 -2.82 -10.33 -8.16
N ASP B 127 -2.80 -9.58 -9.26
CA ASP B 127 -3.68 -9.76 -10.44
C ASP B 127 -3.06 -10.83 -11.30
N THR B 128 -3.70 -11.97 -11.39
CA THR B 128 -3.09 -13.13 -12.02
C THR B 128 -3.14 -13.09 -13.53
N ARG B 129 -3.84 -12.12 -14.10
CA ARG B 129 -3.78 -11.89 -15.53
C ARG B 129 -2.53 -11.04 -15.81
N ARG B 130 -2.34 -9.97 -15.06
CA ARG B 130 -1.22 -9.08 -15.29
C ARG B 130 0.09 -9.73 -14.85
N ASN B 131 0.05 -10.55 -13.79
CA ASN B 131 1.21 -11.18 -13.20
C ASN B 131 1.03 -12.68 -13.15
N PRO B 132 1.11 -13.35 -14.31
CA PRO B 132 0.58 -14.72 -14.37
C PRO B 132 1.63 -15.77 -13.94
N GLN B 133 2.13 -15.65 -12.73
CA GLN B 133 3.05 -16.65 -12.16
C GLN B 133 2.25 -17.70 -11.40
N GLU B 134 2.92 -18.73 -10.88
CA GLU B 134 2.25 -19.64 -10.00
C GLU B 134 1.85 -18.84 -8.80
N HIS B 135 0.77 -19.27 -8.19
CA HIS B 135 0.19 -18.52 -7.11
C HIS B 135 1.10 -18.33 -5.99
N ALA B 136 1.81 -19.40 -5.57
CA ALA B 136 2.72 -19.28 -4.46
C ALA B 136 3.82 -18.21 -4.69
N VAL B 137 4.23 -18.08 -5.94
CA VAL B 137 5.22 -17.11 -6.36
C VAL B 137 4.61 -15.69 -6.36
N CYS B 138 3.38 -15.53 -6.81
CA CYS B 138 2.72 -14.20 -6.76
C CYS B 138 2.70 -13.73 -5.32
N LEU B 139 2.39 -14.64 -4.43
CA LEU B 139 2.33 -14.30 -3.02
C LEU B 139 3.69 -13.93 -2.47
N GLU B 140 4.72 -14.65 -2.86
CA GLU B 140 6.07 -14.34 -2.41
C GLU B 140 6.51 -12.96 -2.92
N MET B 141 6.19 -12.65 -4.15
CA MET B 141 6.52 -11.37 -4.76
C MET B 141 5.88 -10.22 -3.92
N LEU B 142 4.60 -10.37 -3.65
CA LEU B 142 3.83 -9.43 -2.85
C LEU B 142 4.40 -9.27 -1.46
N THR B 143 4.76 -10.38 -0.84
CA THR B 143 5.39 -10.38 0.45
C THR B 143 6.70 -9.61 0.47
N ARG B 144 7.55 -9.88 -0.50
CA ARG B 144 8.84 -9.23 -0.56
C ARG B 144 8.67 -7.73 -0.86
N LEU B 145 7.77 -7.39 -1.78
CA LEU B 145 7.53 -6.00 -2.05
C LEU B 145 6.95 -5.22 -0.84
N ALA B 146 6.03 -5.85 -0.12
CA ALA B 146 5.46 -5.23 1.07
C ALA B 146 6.51 -5.03 2.13
N ARG B 147 7.39 -6.00 2.35
CA ARG B 147 8.39 -5.81 3.37
C ARG B 147 9.39 -4.76 2.96
N ALA B 148 9.73 -4.73 1.67
CA ALA B 148 10.69 -3.76 1.17
C ALA B 148 10.17 -2.34 1.13
N ALA B 149 8.87 -2.17 0.84
CA ALA B 149 8.31 -0.88 0.70
C ALA B 149 7.93 -0.22 2.02
N GLY B 150 7.73 -1.02 3.05
CA GLY B 150 7.14 -0.59 4.32
C GLY B 150 8.10 -0.06 5.37
N SER B 151 7.64 -0.11 6.62
CA SER B 151 8.30 0.55 7.72
C SER B 151 9.62 -0.13 8.06
N ALA B 152 9.84 -1.35 7.56
CA ALA B 152 11.08 -2.10 7.80
C ALA B 152 12.07 -1.92 6.66
N GLY B 153 11.65 -1.29 5.59
CA GLY B 153 12.42 -1.05 4.41
C GLY B 153 12.41 0.44 4.06
N MET B 154 11.87 0.75 2.88
CA MET B 154 11.93 2.05 2.29
C MET B 154 11.36 3.18 3.17
N VAL B 155 10.14 2.99 3.69
CA VAL B 155 9.54 3.98 4.63
C VAL B 155 10.39 4.10 5.91
N GLY B 156 10.93 3.00 6.38
CA GLY B 156 11.85 3.05 7.52
C GLY B 156 13.10 3.91 7.27
N GLY B 157 13.69 3.75 6.09
CA GLY B 157 14.77 4.58 5.63
C GLY B 157 14.49 6.05 5.68
N GLN B 158 13.31 6.43 5.20
CA GLN B 158 12.84 7.83 5.25
C GLN B 158 12.77 8.39 6.67
N ALA B 159 12.26 7.58 7.59
CA ALA B 159 12.25 7.88 9.04
C ALA B 159 13.66 8.00 9.62
N ILE B 160 14.59 7.17 9.18
CA ILE B 160 15.95 7.22 9.68
C ILE B 160 16.54 8.51 9.22
N ASP B 161 16.35 8.82 7.96
CA ASP B 161 16.81 10.08 7.37
C ASP B 161 16.28 11.32 8.14
N LEU B 162 14.98 11.42 8.28
CA LEU B 162 14.40 12.48 9.14
C LEU B 162 14.90 12.46 10.60
N GLY B 163 15.14 11.29 11.13
CA GLY B 163 15.60 11.16 12.51
C GLY B 163 17.10 11.44 12.71
N SER B 164 17.84 11.83 11.67
CA SER B 164 19.26 12.13 11.90
C SER B 164 19.72 13.52 11.45
N VAL B 165 18.81 14.32 10.87
CA VAL B 165 18.91 15.78 10.90
C VAL B 165 19.42 16.18 12.29
N GLY B 166 20.52 16.92 12.34
CA GLY B 166 21.10 17.29 13.63
C GLY B 166 22.25 16.38 14.04
N VAL B 167 22.12 15.07 13.78
CA VAL B 167 23.15 14.10 14.15
C VAL B 167 24.22 14.09 13.05
N ALA B 168 25.49 14.00 13.44
CA ALA B 168 26.55 13.73 12.47
C ALA B 168 26.65 12.22 12.39
N LEU B 169 26.37 11.68 11.20
CA LEU B 169 26.41 10.24 11.00
C LEU B 169 27.81 9.81 10.65
N ASP B 170 28.22 8.67 11.16
CA ASP B 170 29.41 8.00 10.66
C ASP B 170 29.01 7.11 9.46
N GLN B 171 30.01 6.44 8.85
CA GLN B 171 29.78 5.67 7.64
C GLN B 171 28.79 4.50 7.89
N ALA B 172 28.94 3.82 9.01
CA ALA B 172 28.07 2.69 9.33
C ALA B 172 26.62 3.15 9.34
N ALA B 173 26.39 4.32 9.92
CA ALA B 173 25.01 4.79 10.12
C ALA B 173 24.44 5.28 8.79
N LEU B 174 25.30 5.93 8.01
CA LEU B 174 24.98 6.35 6.65
C LEU B 174 24.50 5.13 5.86
N GLU B 175 25.21 4.01 6.04
CA GLU B 175 24.93 2.80 5.27
C GLU B 175 23.65 2.14 5.74
N VAL B 176 23.40 2.17 7.05
CA VAL B 176 22.12 1.69 7.57
C VAL B 176 20.95 2.46 6.90
N MET B 177 21.12 3.77 6.80
CA MET B 177 20.11 4.62 6.24
CA MET B 177 20.11 4.61 6.26
C MET B 177 19.87 4.26 4.80
N HIS B 178 20.94 4.26 4.04
CA HIS B 178 20.88 3.93 2.63
C HIS B 178 20.27 2.55 2.34
N ARG B 179 20.68 1.52 3.06
CA ARG B 179 20.21 0.18 2.84
C ARG B 179 18.68 0.09 3.00
N HIS B 180 18.12 0.92 3.90
CA HIS B 180 16.67 0.95 4.06
C HIS B 180 16.05 1.83 2.99
N LYS B 181 16.57 3.04 2.86
CA LYS B 181 15.90 4.07 2.11
C LYS B 181 15.89 3.76 0.64
N THR B 182 16.98 3.15 0.13
CA THR B 182 17.03 2.77 -1.26
C THR B 182 17.40 1.30 -1.58
N GLY B 183 18.25 0.70 -0.75
CA GLY B 183 18.64 -0.66 -0.90
C GLY B 183 17.48 -1.65 -0.94
N ALA B 184 16.54 -1.50 -0.02
CA ALA B 184 15.46 -2.49 0.15
C ALA B 184 14.69 -2.61 -1.16
N LEU B 185 14.38 -1.49 -1.78
CA LEU B 185 13.59 -1.54 -2.98
C LEU B 185 14.41 -2.07 -4.20
N ILE B 186 15.70 -1.73 -4.23
CA ILE B 186 16.58 -2.19 -5.31
C ILE B 186 16.68 -3.72 -5.24
N GLU B 187 16.91 -4.25 -4.03
CA GLU B 187 16.91 -5.68 -3.74
C GLU B 187 15.57 -6.34 -4.10
N ALA B 188 14.45 -5.71 -3.75
CA ALA B 188 13.16 -6.25 -4.14
C ALA B 188 12.97 -6.31 -5.68
N SER B 189 13.50 -5.31 -6.37
CA SER B 189 13.37 -5.26 -7.82
C SER B 189 14.07 -6.47 -8.44
N VAL B 190 15.25 -6.80 -7.92
CA VAL B 190 16.06 -7.92 -8.41
C VAL B 190 15.35 -9.19 -8.00
N ARG B 191 14.93 -9.26 -6.74
CA ARG B 191 14.26 -10.47 -6.23
C ARG B 191 12.96 -10.77 -7.00
N LEU B 192 12.16 -9.72 -7.25
CA LEU B 192 10.90 -9.96 -7.93
C LEU B 192 11.09 -10.36 -9.43
N GLY B 193 12.05 -9.76 -10.11
CA GLY B 193 12.40 -10.21 -11.45
C GLY B 193 12.85 -11.64 -11.51
N ALA B 194 13.69 -12.01 -10.55
CA ALA B 194 14.20 -13.37 -10.46
C ALA B 194 13.01 -14.36 -10.26
N LEU B 195 12.14 -14.05 -9.30
CA LEU B 195 10.92 -14.79 -9.10
C LEU B 195 10.08 -14.87 -10.33
N ALA B 196 9.97 -13.79 -11.12
CA ALA B 196 9.18 -13.84 -12.30
C ALA B 196 9.75 -14.80 -13.37
N SER B 197 11.05 -15.15 -13.26
CA SER B 197 11.70 -15.99 -14.27
C SER B 197 11.05 -17.35 -14.36
N GLY B 198 10.46 -17.83 -13.27
CA GLY B 198 10.01 -19.22 -13.21
C GLY B 198 11.14 -20.20 -12.93
N ARG B 199 12.37 -19.74 -12.74
CA ARG B 199 13.50 -20.61 -12.46
C ARG B 199 14.29 -20.25 -11.24
N ALA B 200 13.70 -19.51 -10.32
CA ALA B 200 14.47 -19.12 -9.13
C ALA B 200 14.76 -20.33 -8.28
N GLU B 201 15.91 -20.30 -7.62
CA GLU B 201 16.24 -21.29 -6.61
C GLU B 201 16.96 -20.57 -5.54
N PRO B 202 17.09 -21.19 -4.38
CA PRO B 202 17.69 -20.43 -3.31
C PRO B 202 19.12 -19.92 -3.51
N ALA B 203 19.98 -20.69 -4.15
CA ALA B 203 21.35 -20.22 -4.33
C ALA B 203 21.38 -19.02 -5.27
N SER B 204 20.67 -19.13 -6.40
CA SER B 204 20.66 -18.05 -7.37
C SER B 204 20.03 -16.76 -6.75
N LEU B 205 19.00 -16.93 -5.89
CA LEU B 205 18.37 -15.77 -5.25
C LEU B 205 19.32 -15.07 -4.31
N ALA B 206 20.10 -15.85 -3.58
CA ALA B 206 21.01 -15.32 -2.61
C ALA B 206 22.16 -14.60 -3.30
N ALA B 207 22.65 -15.16 -4.40
CA ALA B 207 23.67 -14.51 -5.22
C ALA B 207 23.15 -13.17 -5.78
N LEU B 208 21.92 -13.20 -6.28
CA LEU B 208 21.37 -11.98 -6.86
C LEU B 208 21.14 -10.92 -5.79
N GLU B 209 20.83 -11.36 -4.57
CA GLU B 209 20.72 -10.44 -3.45
C GLU B 209 22.07 -9.79 -3.10
N ARG B 210 23.16 -10.57 -3.15
CA ARG B 210 24.48 -9.96 -2.96
C ARG B 210 24.84 -8.94 -4.03
N TYR B 211 24.55 -9.25 -5.27
CA TYR B 211 24.62 -8.31 -6.36
C TYR B 211 23.87 -7.01 -6.05
N ALA B 212 22.58 -7.15 -5.68
CA ALA B 212 21.71 -5.99 -5.42
C ALA B 212 22.22 -5.15 -4.27
N GLU B 213 22.71 -5.80 -3.23
CA GLU B 213 23.25 -5.04 -2.09
C GLU B 213 24.41 -4.17 -2.55
N ALA B 214 25.33 -4.76 -3.32
CA ALA B 214 26.52 -4.02 -3.80
C ALA B 214 26.16 -2.89 -4.77
N ILE B 215 25.31 -3.15 -5.76
CA ILE B 215 24.98 -2.10 -6.66
C ILE B 215 24.17 -0.99 -6.05
N GLY B 216 23.31 -1.32 -5.11
CA GLY B 216 22.52 -0.27 -4.44
C GLY B 216 23.41 0.77 -3.75
N LEU B 217 24.45 0.33 -3.05
CA LEU B 217 25.42 1.24 -2.45
C LEU B 217 26.24 1.91 -3.50
N ALA B 218 26.67 1.16 -4.50
CA ALA B 218 27.49 1.73 -5.56
C ALA B 218 26.78 2.93 -6.23
N PHE B 219 25.49 2.83 -6.41
CA PHE B 219 24.70 3.98 -6.89
C PHE B 219 24.90 5.19 -5.98
N GLN B 220 24.73 5.00 -4.69
CA GLN B 220 24.81 6.14 -3.75
C GLN B 220 26.24 6.75 -3.72
N VAL B 221 27.26 5.90 -3.66
CA VAL B 221 28.66 6.35 -3.58
C VAL B 221 29.00 7.15 -4.84
N GLN B 222 28.66 6.59 -6.01
CA GLN B 222 28.94 7.28 -7.24
C GLN B 222 28.15 8.61 -7.42
N ASP B 223 26.89 8.64 -7.01
CA ASP B 223 26.14 9.87 -7.08
C ASP B 223 26.79 10.96 -6.24
N ASP B 224 27.28 10.58 -5.06
CA ASP B 224 27.90 11.54 -4.15
C ASP B 224 29.17 12.07 -4.81
N ILE B 225 29.92 11.15 -5.43
CA ILE B 225 31.16 11.52 -6.09
C ILE B 225 30.89 12.56 -7.16
N LEU B 226 29.88 12.29 -7.98
CA LEU B 226 29.49 13.19 -9.05
C LEU B 226 28.91 14.54 -8.55
N ASP B 227 28.23 14.59 -7.41
CA ASP B 227 27.76 15.87 -6.86
C ASP B 227 28.89 16.77 -6.33
N VAL B 228 29.98 16.19 -5.85
CA VAL B 228 31.23 16.93 -5.54
C VAL B 228 31.84 17.76 -6.67
N PRO B 248 25.98 14.62 5.22
CA PRO B 248 26.93 13.48 5.24
C PRO B 248 26.99 12.72 3.89
N THR B 249 28.12 12.83 3.17
CA THR B 249 28.30 12.19 1.87
C THR B 249 29.56 11.33 1.88
N TYR B 250 29.65 10.39 0.95
CA TYR B 250 30.81 9.52 0.96
C TYR B 250 32.14 10.27 0.80
N PRO B 251 32.23 11.21 -0.15
CA PRO B 251 33.48 11.98 -0.24
C PRO B 251 33.80 12.78 1.05
N ALA B 252 32.79 13.39 1.69
CA ALA B 252 33.01 14.07 2.98
C ALA B 252 33.63 13.17 4.05
N LEU B 253 33.15 11.94 4.09
CA LEU B 253 33.60 10.99 5.10
C LEU B 253 34.97 10.45 4.82
N LEU B 254 35.21 10.12 3.55
CA LEU B 254 36.35 9.31 3.20
C LEU B 254 37.40 10.13 2.44
N GLY B 255 37.02 11.32 2.00
CA GLY B 255 37.77 12.02 0.99
C GLY B 255 37.44 11.46 -0.39
N LEU B 256 37.58 12.31 -1.37
CA LEU B 256 37.12 12.04 -2.73
C LEU B 256 37.78 10.80 -3.34
N GLU B 257 39.12 10.68 -3.27
CA GLU B 257 39.83 9.52 -3.85
C GLU B 257 39.44 8.19 -3.20
N ALA B 258 39.36 8.14 -1.88
CA ALA B 258 38.94 6.92 -1.23
C ALA B 258 37.46 6.51 -1.56
N ALA B 259 36.62 7.49 -1.83
CA ALA B 259 35.20 7.22 -2.17
C ALA B 259 35.19 6.53 -3.53
N LYS B 260 36.05 7.05 -4.42
CA LYS B 260 36.20 6.45 -5.72
C LYS B 260 36.67 5.04 -5.60
N GLY B 261 37.65 4.79 -4.75
CA GLY B 261 38.10 3.39 -4.51
C GLY B 261 36.97 2.46 -4.05
N TYR B 262 36.13 2.98 -3.16
CA TYR B 262 35.03 2.23 -2.62
C TYR B 262 33.97 1.94 -3.69
N ALA B 263 33.66 2.93 -4.52
CA ALA B 263 32.78 2.67 -5.66
C ALA B 263 33.28 1.46 -6.51
N LEU B 264 34.59 1.40 -6.76
CA LEU B 264 35.20 0.30 -7.55
C LEU B 264 35.11 -1.04 -6.82
N GLU B 265 35.30 -0.98 -5.49
CA GLU B 265 35.18 -2.16 -4.61
C GLU B 265 33.75 -2.74 -4.64
N LEU B 266 32.76 -1.84 -4.66
CA LEU B 266 31.37 -2.25 -4.74
C LEU B 266 31.05 -2.90 -6.12
N ARG B 267 31.59 -2.31 -7.20
CA ARG B 267 31.42 -2.87 -8.53
C ARG B 267 32.01 -4.27 -8.56
N ASP B 268 33.17 -4.45 -7.97
CA ASP B 268 33.79 -5.80 -7.93
C ASP B 268 32.98 -6.82 -7.14
N LEU B 269 32.43 -6.42 -6.01
CA LEU B 269 31.56 -7.28 -5.25
C LEU B 269 30.36 -7.72 -6.06
N ALA B 270 29.80 -6.80 -6.81
CA ALA B 270 28.62 -7.14 -7.67
C ALA B 270 28.97 -8.16 -8.78
N LEU B 271 30.07 -7.92 -9.47
CA LEU B 271 30.57 -8.81 -10.50
C LEU B 271 30.94 -10.13 -9.89
N ALA B 272 31.55 -10.17 -8.70
CA ALA B 272 31.86 -11.43 -8.04
C ALA B 272 30.59 -12.21 -7.67
N ALA B 273 29.54 -11.52 -7.28
CA ALA B 273 28.28 -12.20 -6.94
C ALA B 273 27.68 -12.94 -8.12
N LEU B 274 28.02 -12.52 -9.36
CA LEU B 274 27.48 -13.15 -10.54
C LEU B 274 28.33 -14.29 -11.08
N ASP B 275 29.36 -14.69 -10.33
CA ASP B 275 30.14 -15.84 -10.71
C ASP B 275 29.25 -17.04 -11.06
N GLY B 276 29.55 -17.71 -12.17
CA GLY B 276 28.77 -18.89 -12.51
C GLY B 276 27.49 -18.59 -13.29
N PHE B 277 27.06 -17.32 -13.38
CA PHE B 277 25.83 -17.05 -14.11
C PHE B 277 26.13 -17.10 -15.61
N PRO B 278 25.12 -17.45 -16.43
CA PRO B 278 25.34 -17.58 -17.88
C PRO B 278 25.44 -16.22 -18.58
N PRO B 279 25.65 -16.22 -19.90
CA PRO B 279 25.72 -14.96 -20.62
C PRO B 279 24.49 -14.06 -20.51
N SER B 280 23.32 -14.64 -20.25
CA SER B 280 22.12 -13.84 -20.13
C SER B 280 22.14 -12.88 -18.91
N ALA B 281 23.07 -13.09 -17.98
CA ALA B 281 23.30 -12.15 -16.83
C ALA B 281 24.19 -10.99 -17.24
N ASP B 282 24.62 -10.98 -18.49
CA ASP B 282 25.51 -9.87 -18.92
C ASP B 282 24.91 -8.47 -18.63
N PRO B 283 23.61 -8.27 -18.88
CA PRO B 283 23.09 -6.96 -18.58
C PRO B 283 23.35 -6.50 -17.13
N LEU B 284 23.22 -7.41 -16.16
CA LEU B 284 23.55 -7.06 -14.76
C LEU B 284 25.04 -6.72 -14.59
N ARG B 285 25.92 -7.46 -15.25
CA ARG B 285 27.35 -7.19 -15.17
C ARG B 285 27.62 -5.84 -15.79
N GLN B 286 26.98 -5.56 -16.93
CA GLN B 286 27.20 -4.30 -17.60
C GLN B 286 26.74 -3.11 -16.74
N LEU B 287 25.58 -3.27 -16.10
CA LEU B 287 25.04 -2.21 -15.27
C LEU B 287 26.02 -1.87 -14.11
N ALA B 288 26.57 -2.91 -13.45
CA ALA B 288 27.47 -2.73 -12.31
C ALA B 288 28.65 -1.85 -12.73
N ARG B 289 29.18 -2.11 -13.91
CA ARG B 289 30.31 -1.34 -14.44
C ARG B 289 29.90 0.08 -14.84
N TYR B 290 28.77 0.17 -15.50
CA TYR B 290 28.19 1.44 -15.92
C TYR B 290 28.01 2.44 -14.75
N ILE B 291 27.45 1.95 -13.63
CA ILE B 291 27.21 2.76 -12.44
C ILE B 291 28.49 3.52 -12.08
N VAL B 292 29.62 2.83 -12.11
CA VAL B 292 30.90 3.47 -11.77
C VAL B 292 31.61 3.91 -13.06
MG MG C . -12.39 13.73 5.78
MG MG D . -11.87 13.67 8.84
MG MG E . -20.89 10.42 7.72
P1 BFQ F . -14.44 11.81 7.42
O2 BFQ F . -13.33 12.84 7.33
O3 BFQ F . -15.70 12.42 8.01
O5 BFQ F . -14.55 11.12 6.05
C7 BFQ F . -13.94 10.56 8.66
P8 BFQ F . -13.71 11.49 10.23
O9 BFQ F . -12.56 12.44 10.11
O10 BFQ F . -13.27 10.51 11.26
O12 BFQ F . -15.04 12.04 10.69
O14 BFQ F . -14.97 9.63 8.74
C16 BFQ F . -12.67 9.82 8.32
C19 BFQ F . -12.45 9.37 6.89
N22 BFQ F . -13.36 8.36 6.33
C23 BFQ F . -12.82 8.08 4.98
C26 BFQ F . -11.28 8.01 4.94
C29 BFQ F . -10.69 7.73 3.58
C32 BFQ F . -9.48 8.65 3.46
C35 BFQ F . -8.42 8.22 2.51
C39 BFQ F . -13.30 7.20 7.20
P1 BFQ G . -17.63 9.68 10.78
O2 BFQ G . -16.41 9.33 11.55
O3 BFQ G . -17.45 10.68 9.66
O5 BFQ G . -18.28 8.47 10.28
C7 BFQ G . -18.74 10.35 12.07
P8 BFQ G . -17.93 11.88 12.60
O9 BFQ G . -16.68 11.54 13.39
O10 BFQ G . -18.71 12.59 13.68
O12 BFQ G . -17.74 12.92 11.52
O14 BFQ G . -19.99 10.58 11.47
C16 BFQ G . -18.68 9.44 13.28
C19 BFQ G . -19.31 8.06 13.18
N22 BFQ G . -18.60 6.94 12.52
C23 BFQ G . -19.57 5.81 12.58
C26 BFQ G . -19.15 4.59 11.73
C29 BFQ G . -19.47 4.83 10.28
C32 BFQ G . -18.95 3.67 9.46
C35 BFQ G . -19.01 4.09 7.98
C39 BFQ G . -17.37 6.63 13.22
P1 BFQ H . -18.68 14.40 7.86
O2 BFQ H . -18.34 13.22 8.76
O3 BFQ H . -19.10 14.05 6.46
O5 BFQ H . -19.72 15.28 8.50
C7 BFQ H . -17.22 15.50 7.66
P8 BFQ H . -16.55 15.86 9.30
O9 BFQ H . -17.70 16.41 10.13
O10 BFQ H . -15.51 16.94 9.23
O12 BFQ H . -15.99 14.67 10.03
O14 BFQ H . -16.30 14.84 6.83
C16 BFQ H . -17.65 16.81 7.06
C19 BFQ H . -17.69 16.66 5.56
N22 BFQ H . -19.04 16.44 5.04
C23 BFQ H . -19.10 15.88 3.64
C26 BFQ H . -18.16 16.47 2.56
C29 BFQ H . -18.18 17.99 2.30
C32 BFQ H . -17.17 18.77 3.20
C35 BFQ H . -16.47 20.00 2.61
C39 BFQ H . -19.87 17.62 5.21
MG MG I . -16.62 12.69 9.64
MG MG J . -15.13 10.43 12.60
MG MG K . -19.83 16.34 10.13
MG MG L . 14.21 13.10 0.88
MG MG M . 13.97 14.40 -1.82
P1 BFQ N . 16.08 11.78 -1.39
O2 BFQ N . 17.39 12.52 -1.39
O3 BFQ N . 16.22 10.72 -0.38
O5 BFQ N . 15.15 12.81 -0.79
C7 BFQ N . 15.57 11.11 -3.03
P8 BFQ N . 15.53 12.57 -4.09
O9 BFQ N . 14.64 13.60 -3.45
O10 BFQ N . 15.05 12.16 -5.40
O12 BFQ N . 16.90 13.12 -4.30
O14 BFQ N . 16.44 10.20 -3.66
C16 BFQ N . 14.13 10.50 -3.14
C19 BFQ N . 13.74 9.65 -1.97
N22 BFQ N . 13.76 8.17 -2.10
C23 BFQ N . 14.14 7.58 -0.81
C26 BFQ N . 12.94 6.98 -0.06
C29 BFQ N . 11.68 7.71 -0.37
C32 BFQ N . 10.58 7.19 0.56
C35 BFQ N . 9.48 8.25 0.72
C39 BFQ N . 14.49 7.55 -3.20
P1 BFQ O . 19.81 13.31 -6.21
O2 BFQ O . 19.60 13.48 -4.75
O3 BFQ O . 19.54 14.53 -7.00
O5 BFQ O . 21.25 12.98 -6.31
C7 BFQ O . 18.67 12.13 -6.96
P8 BFQ O . 19.33 10.77 -5.88
O9 BFQ O . 20.80 11.00 -6.14
O10 BFQ O . 19.21 9.34 -6.27
O12 BFQ O . 19.17 10.99 -4.39
O14 BFQ O . 17.38 12.63 -6.72
C16 BFQ O . 19.05 12.26 -8.45
C19 BFQ O . 18.90 13.73 -8.87
N22 BFQ O . 20.02 14.33 -9.70
C23 BFQ O . 19.53 15.49 -10.50
C26 BFQ O . 19.93 16.80 -9.78
C29 BFQ O . 19.02 17.99 -10.13
C32 BFQ O . 18.90 18.21 -11.63
C35 BFQ O . 17.82 19.28 -11.80
C39 BFQ O . 21.15 14.86 -8.93
MG MG P . 18.55 13.10 -3.04
#